data_7QIH
#
_entry.id   7QIH
#
_cell.length_a   41.553
_cell.length_b   140.833
_cell.length_c   59.880
_cell.angle_alpha   90.000
_cell.angle_beta   90.000
_cell.angle_gamma   90.000
#
_symmetry.space_group_name_H-M   'P 21 21 2'
#
loop_
_entity.id
_entity.type
_entity.pdbx_description
1 polymer 'Chaperone protein YscY'
2 polymer 'Yop proteins translocation protein X'
3 water water
#
loop_
_entity_poly.entity_id
_entity_poly.type
_entity_poly.pdbx_seq_one_letter_code
_entity_poly.pdbx_strand_id
1 'polypeptide(L)'
;MGHHHHHHGNITLTKRQQEFLLLNGWLQLQCGHAERACILLDALLTLNPEHLAGRRCRLVALLNNNQGERAEKEAQWLIS
HDPLQAGNWLCLSRAQQLNGDLDKARHAYQHYLELKDHNESP
;
A,C
2 'polypeptide(L)' GAMGTAQSKRSLWDFASPGYTFHGLHRAQDYRRELDTLQSLLTTSQSSELQAAAALLKCQQDDDRLLQIILNLLHKV B,D
#
# COMPACT_ATOMS: atom_id res chain seq x y z
N ASN A 10 -4.79 -18.49 -23.99
CA ASN A 10 -3.75 -18.51 -22.98
C ASN A 10 -3.30 -17.09 -22.64
N ILE A 11 -3.16 -16.80 -21.35
CA ILE A 11 -2.84 -15.47 -20.87
C ILE A 11 -1.36 -15.40 -20.51
N THR A 12 -0.69 -14.35 -20.95
CA THR A 12 0.70 -14.07 -20.58
C THR A 12 0.78 -12.65 -20.06
N LEU A 13 1.45 -12.47 -18.92
CA LEU A 13 1.57 -11.17 -18.28
C LEU A 13 2.84 -10.47 -18.76
N THR A 14 2.70 -9.21 -19.15
CA THR A 14 3.87 -8.38 -19.40
C THR A 14 4.59 -8.12 -18.08
N LYS A 15 5.82 -7.60 -18.18
CA LYS A 15 6.58 -7.28 -16.99
C LYS A 15 5.84 -6.24 -16.13
N ARG A 16 5.23 -5.24 -16.78
CA ARG A 16 4.49 -4.23 -16.05
C ARG A 16 3.28 -4.84 -15.33
N GLN A 17 2.61 -5.80 -15.98
CA GLN A 17 1.46 -6.44 -15.34
C GLN A 17 1.89 -7.34 -14.19
N GLN A 18 3.00 -8.05 -14.34
CA GLN A 18 3.56 -8.80 -13.23
C GLN A 18 3.91 -7.86 -12.07
N GLU A 19 4.58 -6.75 -12.37
CA GLU A 19 4.91 -5.77 -11.35
C GLU A 19 3.66 -5.22 -10.68
N PHE A 20 2.63 -4.93 -11.46
CA PHE A 20 1.39 -4.39 -10.92
C PHE A 20 0.82 -5.31 -9.84
N LEU A 21 0.74 -6.61 -10.14
CA LEU A 21 0.21 -7.56 -9.17
C LEU A 21 1.12 -7.69 -7.95
N LEU A 22 2.43 -7.76 -8.18
CA LEU A 22 3.37 -7.89 -7.07
C LEU A 22 3.28 -6.71 -6.11
N LEU A 23 3.34 -5.49 -6.63
CA LEU A 23 3.41 -4.32 -5.77
C LEU A 23 2.06 -4.02 -5.12
N ASN A 24 0.95 -4.23 -5.85
CA ASN A 24 -0.35 -4.09 -5.23
C ASN A 24 -0.56 -5.13 -4.13
N GLY A 25 -0.08 -6.36 -4.35
CA GLY A 25 -0.17 -7.36 -3.31
C GLY A 25 0.66 -7.01 -2.09
N TRP A 26 1.89 -6.55 -2.32
CA TRP A 26 2.76 -6.17 -1.21
C TRP A 26 2.21 -4.98 -0.43
N LEU A 27 1.69 -3.98 -1.14
CA LEU A 27 1.15 -2.81 -0.46
C LEU A 27 -0.14 -3.15 0.29
N GLN A 28 -1.00 -3.97 -0.31
CA GLN A 28 -2.20 -4.42 0.40
C GLN A 28 -1.84 -5.24 1.63
N LEU A 29 -0.77 -6.04 1.55
CA LEU A 29 -0.33 -6.79 2.72
C LEU A 29 0.09 -5.86 3.85
N GLN A 30 0.73 -4.74 3.52
CA GLN A 30 1.08 -3.75 4.54
C GLN A 30 -0.17 -3.06 5.09
N CYS A 31 -1.22 -2.95 4.29
CA CYS A 31 -2.48 -2.36 4.72
C CYS A 31 -3.34 -3.30 5.56
N GLY A 32 -2.80 -4.44 5.99
CA GLY A 32 -3.58 -5.41 6.73
C GLY A 32 -4.60 -6.17 5.90
N HIS A 33 -4.65 -5.93 4.59
CA HIS A 33 -5.57 -6.67 3.71
C HIS A 33 -4.86 -7.91 3.19
N ALA A 34 -4.73 -8.89 4.08
CA ALA A 34 -4.08 -10.15 3.70
C ALA A 34 -4.89 -10.90 2.65
N GLU A 35 -6.22 -10.77 2.69
CA GLU A 35 -7.06 -11.42 1.68
C GLU A 35 -6.79 -10.85 0.30
N ARG A 36 -6.81 -9.52 0.18
CA ARG A 36 -6.53 -8.89 -1.11
C ARG A 36 -5.15 -9.25 -1.61
N ALA A 37 -4.16 -9.27 -0.71
CA ALA A 37 -2.80 -9.61 -1.11
C ALA A 37 -2.73 -11.02 -1.69
N CYS A 38 -3.31 -12.00 -0.98
CA CYS A 38 -3.21 -13.38 -1.43
C CYS A 38 -3.93 -13.60 -2.76
N ILE A 39 -5.09 -12.96 -2.95
CA ILE A 39 -5.80 -13.10 -4.22
C ILE A 39 -4.96 -12.57 -5.37
N LEU A 40 -4.36 -11.39 -5.18
CA LEU A 40 -3.52 -10.81 -6.22
C LEU A 40 -2.28 -11.64 -6.47
N LEU A 41 -1.61 -12.08 -5.39
CA LEU A 41 -0.37 -12.83 -5.56
C LEU A 41 -0.62 -14.24 -6.07
N ASP A 42 -1.76 -14.85 -5.71
CA ASP A 42 -2.13 -16.14 -6.29
C ASP A 42 -2.29 -16.02 -7.81
N ALA A 43 -2.91 -14.93 -8.27
CA ALA A 43 -3.09 -14.73 -9.69
C ALA A 43 -1.76 -14.59 -10.40
N LEU A 44 -0.87 -13.77 -9.83
CA LEU A 44 0.47 -13.61 -10.40
C LEU A 44 1.19 -14.95 -10.50
N LEU A 45 1.18 -15.72 -9.42
CA LEU A 45 1.93 -16.97 -9.36
C LEU A 45 1.25 -18.11 -10.10
N THR A 46 -0.02 -17.96 -10.45
CA THR A 46 -0.65 -18.92 -11.37
C THR A 46 -0.11 -18.73 -12.79
N LEU A 47 0.08 -17.48 -13.21
CA LEU A 47 0.55 -17.19 -14.55
C LEU A 47 2.07 -17.15 -14.65
N ASN A 48 2.75 -16.80 -13.57
CA ASN A 48 4.22 -16.74 -13.52
C ASN A 48 4.68 -17.49 -12.28
N PRO A 49 4.71 -18.83 -12.34
CA PRO A 49 5.06 -19.61 -11.14
C PRO A 49 6.48 -19.40 -10.65
N GLU A 50 7.38 -18.93 -11.51
CA GLU A 50 8.78 -18.73 -11.13
C GLU A 50 9.08 -17.31 -10.68
N HIS A 51 8.06 -16.48 -10.50
CA HIS A 51 8.24 -15.12 -10.00
C HIS A 51 8.66 -15.18 -8.54
N LEU A 52 9.97 -15.10 -8.29
CA LEU A 52 10.49 -15.38 -6.96
C LEU A 52 10.03 -14.35 -5.94
N ALA A 53 10.11 -13.06 -6.28
CA ALA A 53 9.69 -12.03 -5.34
C ALA A 53 8.23 -12.20 -4.95
N GLY A 54 7.38 -12.56 -5.92
CA GLY A 54 5.98 -12.82 -5.60
C GLY A 54 5.80 -14.00 -4.66
N ARG A 55 6.60 -15.05 -4.87
CA ARG A 55 6.54 -16.21 -3.98
C ARG A 55 6.89 -15.83 -2.54
N ARG A 56 7.95 -15.03 -2.37
CA ARG A 56 8.34 -14.58 -1.04
C ARG A 56 7.24 -13.74 -0.40
N CYS A 57 6.66 -12.81 -1.15
CA CYS A 57 5.59 -11.98 -0.60
CA CYS A 57 5.58 -11.98 -0.62
C CYS A 57 4.41 -12.83 -0.15
N ARG A 58 4.00 -13.78 -0.99
CA ARG A 58 2.85 -14.61 -0.63
C ARG A 58 3.15 -15.51 0.55
N LEU A 59 4.36 -16.04 0.63
CA LEU A 59 4.74 -16.91 1.76
C LEU A 59 4.54 -16.18 3.08
N VAL A 60 5.03 -14.95 3.18
CA VAL A 60 4.82 -14.17 4.40
C VAL A 60 3.35 -13.84 4.58
N ALA A 61 2.62 -13.60 3.48
CA ALA A 61 1.18 -13.38 3.58
C ALA A 61 0.46 -14.63 4.05
N LEU A 62 0.92 -15.81 3.61
CA LEU A 62 0.34 -17.06 4.11
C LEU A 62 0.58 -17.20 5.61
N LEU A 63 1.76 -16.78 6.08
CA LEU A 63 2.04 -16.79 7.51
C LEU A 63 1.17 -15.81 8.28
N ASN A 64 0.50 -14.87 7.60
CA ASN A 64 -0.35 -13.89 8.26
C ASN A 64 -1.84 -14.13 8.05
N ASN A 65 -2.23 -14.81 6.97
CA ASN A 65 -3.59 -15.31 6.84
C ASN A 65 -3.79 -16.65 7.55
N ASN A 66 -2.80 -17.07 8.34
CA ASN A 66 -2.82 -18.33 9.08
C ASN A 66 -3.06 -19.52 8.15
N GLN A 67 -2.03 -19.78 7.33
CA GLN A 67 -1.99 -20.92 6.42
C GLN A 67 -0.58 -21.51 6.51
N GLY A 68 -0.27 -22.10 7.67
CA GLY A 68 1.09 -22.54 7.94
C GLY A 68 1.51 -23.74 7.10
N GLU A 69 0.61 -24.70 6.91
CA GLU A 69 0.95 -25.87 6.10
C GLU A 69 1.22 -25.47 4.66
N ARG A 70 0.41 -24.55 4.12
CA ARG A 70 0.71 -23.98 2.81
C ARG A 70 2.04 -23.25 2.83
N ALA A 71 2.31 -22.51 3.90
CA ALA A 71 3.54 -21.75 4.00
C ALA A 71 4.75 -22.65 4.03
N GLU A 72 4.65 -23.80 4.70
CA GLU A 72 5.77 -24.73 4.75
C GLU A 72 6.11 -25.26 3.37
N LYS A 73 5.09 -25.61 2.58
CA LYS A 73 5.34 -26.10 1.23
C LYS A 73 5.95 -25.01 0.34
N GLU A 74 5.49 -23.77 0.52
CA GLU A 74 6.09 -22.67 -0.25
C GLU A 74 7.55 -22.46 0.11
N ALA A 75 7.87 -22.54 1.40
CA ALA A 75 9.27 -22.41 1.82
C ALA A 75 10.12 -23.53 1.25
N GLN A 76 9.60 -24.77 1.27
CA GLN A 76 10.33 -25.88 0.68
C GLN A 76 10.50 -25.68 -0.83
N TRP A 77 9.51 -25.07 -1.47
CA TRP A 77 9.62 -24.72 -2.88
C TRP A 77 10.78 -23.75 -3.11
N LEU A 78 10.84 -22.70 -2.29
CA LEU A 78 11.89 -21.69 -2.45
C LEU A 78 13.27 -22.26 -2.12
N ILE A 79 13.36 -23.10 -1.09
CA ILE A 79 14.64 -23.68 -0.72
C ILE A 79 15.22 -24.49 -1.87
N SER A 80 14.39 -25.25 -2.57
CA SER A 80 14.88 -26.05 -3.68
C SER A 80 15.34 -25.20 -4.86
N HIS A 81 14.90 -23.94 -4.93
CA HIS A 81 15.37 -23.06 -6.00
CA HIS A 81 15.37 -23.06 -6.00
C HIS A 81 16.69 -22.39 -5.65
N ASP A 82 16.88 -22.03 -4.38
CA ASP A 82 18.16 -21.48 -3.92
CA ASP A 82 18.15 -21.46 -3.92
C ASP A 82 18.38 -21.94 -2.49
N PRO A 83 19.06 -23.08 -2.31
CA PRO A 83 19.26 -23.61 -0.95
C PRO A 83 20.14 -22.75 -0.07
N LEU A 84 20.87 -21.79 -0.63
CA LEU A 84 21.78 -20.95 0.14
C LEU A 84 21.16 -19.66 0.63
N GLN A 85 19.97 -19.30 0.15
CA GLN A 85 19.31 -18.07 0.56
CA GLN A 85 19.32 -18.06 0.57
C GLN A 85 18.79 -18.22 1.99
N ALA A 86 19.37 -17.47 2.92
CA ALA A 86 19.04 -17.61 4.34
C ALA A 86 17.56 -17.37 4.61
N GLY A 87 16.97 -16.35 3.97
CA GLY A 87 15.60 -15.99 4.27
C GLY A 87 14.61 -17.11 4.03
N ASN A 88 14.91 -18.00 3.08
CA ASN A 88 14.04 -19.15 2.84
C ASN A 88 13.95 -20.04 4.07
N TRP A 89 15.06 -20.21 4.79
CA TRP A 89 15.08 -21.07 5.96
C TRP A 89 14.40 -20.42 7.15
N LEU A 90 14.49 -19.10 7.28
CA LEU A 90 13.71 -18.40 8.30
C LEU A 90 12.23 -18.58 8.04
N CYS A 91 11.81 -18.51 6.78
CA CYS A 91 10.41 -18.74 6.43
C CYS A 91 9.99 -20.16 6.77
N LEU A 92 10.85 -21.15 6.52
CA LEU A 92 10.52 -22.52 6.87
C LEU A 92 10.38 -22.69 8.38
N SER A 93 11.28 -22.05 9.13
CA SER A 93 11.22 -22.14 10.59
C SER A 93 9.93 -21.54 11.14
N ARG A 94 9.51 -20.39 10.59
CA ARG A 94 8.30 -19.74 11.10
C ARG A 94 7.06 -20.55 10.77
N ALA A 95 6.98 -21.10 9.55
CA ALA A 95 5.84 -21.92 9.19
C ALA A 95 5.76 -23.18 10.06
N GLN A 96 6.91 -23.78 10.36
CA GLN A 96 6.91 -25.03 11.12
C GLN A 96 6.53 -24.80 12.58
N GLN A 97 6.96 -23.68 13.16
CA GLN A 97 6.55 -23.41 14.54
C GLN A 97 5.09 -23.00 14.62
N LEU A 98 4.54 -22.40 13.56
CA LEU A 98 3.11 -22.16 13.50
C LEU A 98 2.34 -23.46 13.39
N ASN A 99 2.90 -24.44 12.67
CA ASN A 99 2.28 -25.75 12.50
C ASN A 99 2.49 -26.66 13.71
N GLY A 100 3.20 -26.20 14.74
CA GLY A 100 3.41 -26.98 15.94
C GLY A 100 4.65 -27.85 15.95
N ASP A 101 5.36 -27.93 14.82
CA ASP A 101 6.59 -28.74 14.74
C ASP A 101 7.75 -27.89 15.20
N LEU A 102 7.88 -27.75 16.53
CA LEU A 102 8.88 -26.86 17.10
C LEU A 102 10.29 -27.39 16.89
N ASP A 103 10.50 -28.69 17.08
CA ASP A 103 11.85 -29.25 16.94
C ASP A 103 12.35 -29.11 15.51
N LYS A 104 11.47 -29.27 14.53
CA LYS A 104 11.87 -29.03 13.15
C LYS A 104 12.09 -27.55 12.87
N ALA A 105 11.33 -26.68 13.55
CA ALA A 105 11.52 -25.24 13.36
C ALA A 105 12.86 -24.78 13.90
N ARG A 106 13.42 -25.50 14.87
CA ARG A 106 14.72 -25.12 15.40
C ARG A 106 15.85 -25.56 14.48
N HIS A 107 15.71 -26.72 13.82
CA HIS A 107 16.70 -27.13 12.84
C HIS A 107 16.72 -26.19 11.64
N ALA A 108 15.53 -25.78 11.18
CA ALA A 108 15.46 -24.81 10.08
C ALA A 108 16.08 -23.48 10.48
N TYR A 109 15.84 -23.05 11.72
CA TYR A 109 16.39 -21.77 12.17
C TYR A 109 17.91 -21.83 12.29
N GLN A 110 18.45 -22.99 12.66
CA GLN A 110 19.91 -23.14 12.69
C GLN A 110 20.49 -23.02 11.29
N HIS A 111 19.81 -23.57 10.29
CA HIS A 111 20.23 -23.38 8.90
C HIS A 111 20.19 -21.91 8.51
N TYR A 112 19.17 -21.19 8.97
CA TYR A 112 19.10 -19.75 8.73
C TYR A 112 20.32 -19.05 9.31
N LEU A 113 20.70 -19.41 10.54
CA LEU A 113 21.86 -18.78 11.17
C LEU A 113 23.15 -19.13 10.44
N GLU A 114 23.24 -20.36 9.91
CA GLU A 114 24.46 -20.77 9.23
C GLU A 114 24.66 -20.03 7.92
N LEU A 115 23.57 -19.56 7.30
CA LEU A 115 23.62 -18.93 5.99
C LEU A 115 23.46 -17.42 5.99
N LYS A 116 22.96 -16.85 7.08
CA LYS A 116 22.59 -15.44 7.06
C LYS A 116 23.82 -14.53 7.04
N ASP A 117 23.60 -13.31 6.56
CA ASP A 117 24.61 -12.26 6.64
C ASP A 117 24.49 -11.61 8.02
N HIS A 118 25.46 -11.89 8.90
CA HIS A 118 25.40 -11.34 10.25
C HIS A 118 25.74 -9.86 10.31
N ASN A 119 26.02 -9.22 9.17
CA ASN A 119 26.26 -7.78 9.13
C ASN A 119 24.99 -6.97 8.92
N GLU A 120 23.89 -7.60 8.52
CA GLU A 120 22.65 -6.88 8.30
C GLU A 120 21.99 -6.49 9.62
N THR B 5 10.16 -13.94 17.88
CA THR B 5 11.08 -12.81 18.06
C THR B 5 10.69 -11.66 17.12
N ALA B 6 10.67 -10.45 17.67
CA ALA B 6 10.37 -9.28 16.84
C ALA B 6 11.41 -9.08 15.76
N GLN B 7 12.68 -9.37 16.06
CA GLN B 7 13.74 -9.23 15.07
C GLN B 7 13.53 -10.21 13.92
N SER B 8 13.14 -11.44 14.22
CA SER B 8 12.85 -12.41 13.16
C SER B 8 11.67 -11.95 12.31
N LYS B 9 10.64 -11.39 12.96
CA LYS B 9 9.50 -10.89 12.21
C LYS B 9 9.89 -9.74 11.29
N ARG B 10 10.72 -8.82 11.80
CA ARG B 10 11.23 -7.75 10.94
C ARG B 10 12.08 -8.30 9.81
N SER B 11 12.89 -9.32 10.10
CA SER B 11 13.68 -9.97 9.05
C SER B 11 12.77 -10.65 8.03
N LEU B 12 11.63 -11.19 8.49
CA LEU B 12 10.66 -11.77 7.56
C LEU B 12 10.06 -10.70 6.67
N TRP B 13 9.63 -9.57 7.26
CA TRP B 13 9.06 -8.49 6.45
C TRP B 13 10.08 -7.93 5.47
N ASP B 14 11.35 -7.82 5.89
CA ASP B 14 12.40 -7.40 4.98
C ASP B 14 12.58 -8.40 3.86
N PHE B 15 12.42 -9.69 4.16
CA PHE B 15 12.53 -10.72 3.13
C PHE B 15 11.36 -10.67 2.17
N ALA B 16 10.16 -10.37 2.67
CA ALA B 16 8.99 -10.29 1.81
C ALA B 16 9.01 -9.06 0.92
N SER B 17 9.67 -8.00 1.37
CA SER B 17 9.64 -6.73 0.64
C SER B 17 10.30 -6.89 -0.73
N PRO B 18 9.63 -6.48 -1.82
CA PRO B 18 10.29 -6.52 -3.13
C PRO B 18 11.43 -5.51 -3.27
N GLY B 19 11.53 -4.55 -2.37
CA GLY B 19 12.66 -3.62 -2.38
C GLY B 19 12.52 -2.44 -3.31
N TYR B 20 11.37 -2.28 -3.96
CA TYR B 20 11.12 -1.14 -4.83
C TYR B 20 9.61 -0.92 -4.87
N THR B 21 9.19 0.14 -5.56
CA THR B 21 7.78 0.44 -5.70
C THR B 21 7.53 1.00 -7.10
N PHE B 22 6.33 1.50 -7.33
CA PHE B 22 5.96 2.02 -8.64
C PHE B 22 6.89 3.17 -9.04
N HIS B 23 7.30 3.16 -10.31
CA HIS B 23 8.31 4.08 -10.81
C HIS B 23 7.89 4.58 -12.19
N GLY B 24 8.69 5.48 -12.73
CA GLY B 24 8.41 6.09 -14.02
C GLY B 24 7.99 7.54 -13.88
N LEU B 25 7.86 8.19 -15.05
CA LEU B 25 7.54 9.61 -15.08
C LEU B 25 6.04 9.88 -14.99
N HIS B 26 5.20 8.87 -15.22
CA HIS B 26 3.76 9.04 -15.19
C HIS B 26 3.12 7.82 -14.53
N ARG B 27 3.52 7.56 -13.28
CA ARG B 27 2.99 6.40 -12.55
C ARG B 27 1.51 6.52 -12.25
N ALA B 28 0.96 7.74 -12.22
CA ALA B 28 -0.47 7.90 -12.04
C ALA B 28 -1.23 7.40 -13.26
N GLN B 29 -0.85 7.86 -14.45
CA GLN B 29 -1.49 7.39 -15.67
C GLN B 29 -1.19 5.91 -15.90
N ASP B 30 0.04 5.48 -15.61
CA ASP B 30 0.42 4.09 -15.86
C ASP B 30 -0.34 3.12 -14.95
N TYR B 31 -0.65 3.54 -13.72
CA TYR B 31 -1.38 2.64 -12.81
C TYR B 31 -2.79 2.39 -13.31
N ARG B 32 -3.54 3.46 -13.60
CA ARG B 32 -4.91 3.29 -14.10
C ARG B 32 -4.92 2.56 -15.44
N ARG B 33 -3.87 2.73 -16.24
CA ARG B 33 -3.79 2.03 -17.52
C ARG B 33 -3.61 0.53 -17.31
N GLU B 34 -2.62 0.14 -16.49
CA GLU B 34 -2.37 -1.27 -16.24
C GLU B 34 -3.54 -1.91 -15.50
N LEU B 35 -4.13 -1.18 -14.55
CA LEU B 35 -5.29 -1.71 -13.83
C LEU B 35 -6.43 -2.04 -14.78
N ASP B 36 -6.78 -1.08 -15.65
CA ASP B 36 -7.89 -1.31 -16.58
C ASP B 36 -7.56 -2.41 -17.58
N THR B 37 -6.33 -2.44 -18.07
CA THR B 37 -5.94 -3.49 -19.01
C THR B 37 -5.95 -4.86 -18.34
N LEU B 38 -5.44 -4.94 -17.12
CA LEU B 38 -5.31 -6.24 -16.45
C LEU B 38 -6.67 -6.81 -16.06
N GLN B 39 -7.61 -5.96 -15.65
CA GLN B 39 -8.91 -6.47 -15.23
C GLN B 39 -9.69 -7.05 -16.41
N SER B 40 -9.57 -6.43 -17.59
CA SER B 40 -10.22 -7.00 -18.77
C SER B 40 -9.48 -8.23 -19.27
N LEU B 41 -8.16 -8.28 -19.11
CA LEU B 41 -7.39 -9.45 -19.51
C LEU B 41 -7.76 -10.66 -18.64
N LEU B 42 -7.71 -10.50 -17.32
CA LEU B 42 -7.99 -11.62 -16.42
C LEU B 42 -9.46 -12.04 -16.44
N THR B 43 -10.36 -11.18 -16.91
CA THR B 43 -11.77 -11.56 -16.99
C THR B 43 -12.00 -12.66 -18.02
N THR B 44 -11.22 -12.67 -19.10
CA THR B 44 -11.38 -13.68 -20.15
C THR B 44 -10.93 -15.07 -19.69
N SER B 45 -10.34 -15.19 -18.50
CA SER B 45 -9.83 -16.47 -18.04
CA SER B 45 -9.83 -16.47 -18.05
C SER B 45 -10.96 -17.37 -17.54
N GLN B 46 -10.66 -18.66 -17.46
CA GLN B 46 -11.57 -19.67 -16.95
C GLN B 46 -11.26 -20.09 -15.52
N SER B 47 -10.07 -19.75 -15.02
CA SER B 47 -9.72 -20.07 -13.64
C SER B 47 -10.46 -19.16 -12.67
N SER B 48 -11.01 -19.75 -11.61
CA SER B 48 -11.73 -18.97 -10.62
C SER B 48 -10.80 -17.99 -9.90
N GLU B 49 -9.55 -18.39 -9.68
CA GLU B 49 -8.61 -17.51 -8.98
C GLU B 49 -8.31 -16.27 -9.80
N LEU B 50 -8.08 -16.43 -11.10
CA LEU B 50 -7.89 -15.25 -11.96
C LEU B 50 -9.17 -14.43 -12.08
N GLN B 51 -10.33 -15.08 -12.07
CA GLN B 51 -11.58 -14.34 -12.11
C GLN B 51 -11.78 -13.54 -10.82
N ALA B 52 -11.37 -14.12 -9.68
CA ALA B 52 -11.48 -13.39 -8.42
C ALA B 52 -10.58 -12.15 -8.42
N ALA B 53 -9.37 -12.28 -8.98
CA ALA B 53 -8.48 -11.13 -9.05
C ALA B 53 -9.05 -10.05 -9.96
N ALA B 54 -9.60 -10.43 -11.11
CA ALA B 54 -10.20 -9.45 -12.00
C ALA B 54 -11.38 -8.76 -11.33
N ALA B 55 -12.21 -9.52 -10.61
CA ALA B 55 -13.36 -8.93 -9.93
C ALA B 55 -12.92 -7.99 -8.81
N LEU B 56 -11.85 -8.35 -8.10
CA LEU B 56 -11.31 -7.46 -7.07
C LEU B 56 -10.83 -6.14 -7.69
N LEU B 57 -10.15 -6.22 -8.83
CA LEU B 57 -9.68 -5.01 -9.49
C LEU B 57 -10.84 -4.15 -9.99
N LYS B 58 -11.88 -4.80 -10.55
CA LYS B 58 -13.04 -4.05 -11.00
C LYS B 58 -13.74 -3.34 -9.85
N CYS B 59 -13.82 -4.00 -8.69
CA CYS B 59 -14.48 -3.41 -7.54
C CYS B 59 -13.82 -2.11 -7.12
N GLN B 60 -12.49 -2.14 -6.92
CA GLN B 60 -11.81 -0.92 -6.50
C GLN B 60 -11.82 0.14 -7.60
N GLN B 61 -11.77 -0.27 -8.86
CA GLN B 61 -11.82 0.70 -9.96
C GLN B 61 -13.13 1.48 -9.94
N ASP B 62 -14.21 0.84 -9.51
CA ASP B 62 -15.52 1.49 -9.48
C ASP B 62 -15.92 1.98 -8.10
N ASP B 63 -15.42 1.35 -7.03
CA ASP B 63 -15.66 1.89 -5.70
C ASP B 63 -14.98 3.25 -5.53
N ASP B 64 -13.83 3.45 -6.18
CA ASP B 64 -13.17 4.75 -6.11
C ASP B 64 -13.97 5.80 -6.88
N ARG B 65 -14.60 5.40 -7.99
CA ARG B 65 -15.45 6.33 -8.73
C ARG B 65 -16.63 6.79 -7.89
N LEU B 66 -17.13 5.92 -7.01
CA LEU B 66 -18.18 6.32 -6.09
C LEU B 66 -17.66 7.31 -5.05
N LEU B 67 -16.44 7.08 -4.56
CA LEU B 67 -15.86 7.97 -3.56
C LEU B 67 -15.50 9.33 -4.15
N GLN B 68 -15.13 9.36 -5.43
CA GLN B 68 -14.84 10.64 -6.08
C GLN B 68 -16.08 11.53 -6.12
N ILE B 69 -17.25 10.92 -6.30
CA ILE B 69 -18.49 11.69 -6.28
C ILE B 69 -18.74 12.27 -4.90
N ILE B 70 -18.42 11.51 -3.86
CA ILE B 70 -18.60 11.99 -2.49
C ILE B 70 -17.65 13.14 -2.20
N LEU B 71 -16.39 13.03 -2.66
CA LEU B 71 -15.43 14.09 -2.43
C LEU B 71 -15.85 15.39 -3.11
N ASN B 72 -16.42 15.30 -4.32
CA ASN B 72 -16.89 16.49 -5.01
C ASN B 72 -18.02 17.14 -4.24
N LEU B 73 -18.95 16.34 -3.72
CA LEU B 73 -20.05 16.89 -2.92
C LEU B 73 -19.51 17.51 -1.63
N LEU B 74 -18.47 16.92 -1.05
CA LEU B 74 -17.82 17.47 0.13
C LEU B 74 -16.76 18.52 -0.20
N HIS B 75 -16.54 18.79 -1.48
CA HIS B 75 -15.54 19.78 -1.93
C HIS B 75 -14.15 19.47 -1.38
N ASN C 10 -17.01 15.75 20.66
CA ASN C 10 -15.59 15.95 20.92
C ASN C 10 -14.83 14.64 20.80
N ILE C 11 -14.77 14.10 19.59
CA ILE C 11 -14.08 12.83 19.34
C ILE C 11 -12.59 13.05 19.35
N THR C 12 -11.86 12.13 19.97
CA THR C 12 -10.41 12.18 20.06
C THR C 12 -9.83 10.86 19.57
N LEU C 13 -8.82 10.95 18.70
CA LEU C 13 -8.15 9.79 18.15
C LEU C 13 -6.90 9.48 18.94
N THR C 14 -6.70 8.21 19.27
CA THR C 14 -5.46 7.79 19.91
C THR C 14 -4.30 7.88 18.92
N LYS C 15 -3.09 7.72 19.43
CA LYS C 15 -1.91 7.80 18.58
C LYS C 15 -1.94 6.72 17.50
N ARG C 16 -2.32 5.50 17.88
CA ARG C 16 -2.39 4.41 16.89
C ARG C 16 -3.50 4.65 15.88
N GLN C 17 -4.62 5.24 16.32
CA GLN C 17 -5.70 5.54 15.38
C GLN C 17 -5.28 6.59 14.36
N GLN C 18 -4.59 7.65 14.82
CA GLN C 18 -4.04 8.62 13.88
C GLN C 18 -3.04 7.98 12.94
N GLU C 19 -2.15 7.14 13.48
CA GLU C 19 -1.20 6.42 12.64
C GLU C 19 -1.91 5.49 11.67
N PHE C 20 -3.04 4.92 12.08
CA PHE C 20 -3.84 4.08 11.18
C PHE C 20 -4.29 4.87 9.97
N LEU C 21 -4.91 6.03 10.18
CA LEU C 21 -5.40 6.83 9.07
C LEU C 21 -4.25 7.36 8.22
N LEU C 22 -3.13 7.72 8.85
CA LEU C 22 -2.00 8.26 8.10
C LEU C 22 -1.38 7.22 7.19
N LEU C 23 -1.05 6.04 7.74
CA LEU C 23 -0.35 5.03 6.95
C LEU C 23 -1.27 4.42 5.90
N ASN C 24 -2.53 4.18 6.25
CA ASN C 24 -3.48 3.68 5.26
C ASN C 24 -3.66 4.68 4.12
N GLY C 25 -3.86 5.96 4.46
CA GLY C 25 -3.95 6.97 3.44
C GLY C 25 -2.72 7.02 2.54
N TRP C 26 -1.53 6.93 3.14
CA TRP C 26 -0.31 6.97 2.36
C TRP C 26 -0.17 5.74 1.46
N LEU C 27 -0.52 4.56 1.97
CA LEU C 27 -0.45 3.36 1.14
C LEU C 27 -1.56 3.34 0.10
N GLN C 28 -2.73 3.91 0.42
CA GLN C 28 -3.80 4.02 -0.57
C GLN C 28 -3.43 5.02 -1.67
N LEU C 29 -2.70 6.08 -1.33
CA LEU C 29 -2.23 7.01 -2.34
C LEU C 29 -1.25 6.33 -3.30
N GLN C 30 -0.41 5.43 -2.78
CA GLN C 30 0.55 4.75 -3.63
C GLN C 30 -0.13 3.82 -4.63
N CYS C 31 -1.28 3.25 -4.26
CA CYS C 31 -2.02 2.35 -5.14
C CYS C 31 -3.00 3.08 -6.04
N GLY C 32 -2.70 4.32 -6.42
CA GLY C 32 -3.54 5.06 -7.34
C GLY C 32 -4.93 5.37 -6.82
N HIS C 33 -5.13 5.31 -5.50
CA HIS C 33 -6.43 5.61 -4.93
C HIS C 33 -6.39 6.93 -4.17
N ALA C 34 -6.13 8.02 -4.89
CA ALA C 34 -6.07 9.33 -4.27
C ALA C 34 -7.41 9.71 -3.65
N GLU C 35 -8.51 9.16 -4.16
CA GLU C 35 -9.83 9.42 -3.58
C GLU C 35 -9.92 8.86 -2.17
N ARG C 36 -9.58 7.57 -2.01
CA ARG C 36 -9.60 6.97 -0.68
C ARG C 36 -8.63 7.67 0.26
N ALA C 37 -7.44 8.00 -0.24
CA ALA C 37 -6.46 8.69 0.59
C ALA C 37 -6.99 10.03 1.08
N CYS C 38 -7.70 10.76 0.22
CA CYS C 38 -8.25 12.05 0.64
C CYS C 38 -9.31 11.88 1.71
N ILE C 39 -10.19 10.87 1.57
CA ILE C 39 -11.24 10.68 2.56
C ILE C 39 -10.64 10.29 3.91
N LEU C 40 -9.62 9.43 3.92
CA LEU C 40 -9.00 9.02 5.17
C LEU C 40 -8.22 10.16 5.80
N LEU C 41 -7.50 10.94 4.99
CA LEU C 41 -6.70 12.03 5.54
C LEU C 41 -7.53 13.25 5.88
N ASP C 42 -8.68 13.44 5.20
CA ASP C 42 -9.61 14.49 5.61
C ASP C 42 -10.14 14.22 7.02
N ALA C 43 -10.44 12.96 7.32
CA ALA C 43 -10.93 12.62 8.64
C ALA C 43 -9.85 12.82 9.70
N LEU C 44 -8.63 12.38 9.41
CA LEU C 44 -7.52 12.56 10.34
C LEU C 44 -7.30 14.04 10.63
N LEU C 45 -7.25 14.86 9.58
CA LEU C 45 -6.95 16.29 9.74
C LEU C 45 -8.15 17.08 10.24
N THR C 46 -9.36 16.51 10.23
CA THR C 46 -10.48 17.17 10.89
C THR C 46 -10.34 17.11 12.40
N LEU C 47 -9.90 15.97 12.93
CA LEU C 47 -9.75 15.78 14.36
C LEU C 47 -8.38 16.15 14.88
N ASN C 48 -7.35 16.13 14.04
CA ASN C 48 -6.00 16.53 14.40
C ASN C 48 -5.44 17.41 13.31
N PRO C 49 -5.89 18.67 13.24
CA PRO C 49 -5.48 19.55 12.13
C PRO C 49 -4.00 19.95 12.16
N GLU C 50 -3.30 19.72 13.25
CA GLU C 50 -1.89 20.04 13.34
C GLU C 50 -0.99 18.86 12.99
N HIS C 51 -1.55 17.77 12.48
CA HIS C 51 -0.77 16.60 12.09
C HIS C 51 -0.02 16.93 10.80
N LEU C 52 1.26 17.27 10.93
CA LEU C 52 2.03 17.77 9.79
C LEU C 52 2.21 16.71 8.72
N ALA C 53 2.58 15.50 9.12
CA ALA C 53 2.78 14.42 8.15
C ALA C 53 1.50 14.13 7.37
N GLY C 54 0.36 14.13 8.07
CA GLY C 54 -0.91 13.95 7.37
C GLY C 54 -1.22 15.09 6.42
N ARG C 55 -0.87 16.32 6.82
CA ARG C 55 -1.06 17.47 5.94
C ARG C 55 -0.26 17.31 4.65
N ARG C 56 1.02 16.94 4.77
CA ARG C 56 1.85 16.77 3.59
C ARG C 56 1.32 15.66 2.69
N CYS C 57 0.91 14.54 3.28
CA CYS C 57 0.42 13.42 2.48
C CYS C 57 -0.88 13.77 1.78
N ARG C 58 -1.78 14.47 2.46
CA ARG C 58 -3.04 14.86 1.82
C ARG C 58 -2.80 15.87 0.71
N LEU C 59 -1.83 16.77 0.89
CA LEU C 59 -1.52 17.76 -0.13
C LEU C 59 -1.18 17.08 -1.46
N VAL C 60 -0.32 16.06 -1.42
CA VAL C 60 0.01 15.32 -2.63
C VAL C 60 -1.20 14.55 -3.14
N ALA C 61 -2.04 14.05 -2.25
CA ALA C 61 -3.27 13.36 -2.68
C ALA C 61 -4.21 14.33 -3.39
N LEU C 62 -4.27 15.57 -2.94
CA LEU C 62 -5.06 16.58 -3.65
C LEU C 62 -4.48 16.85 -5.03
N LEU C 63 -3.15 16.93 -5.13
CA LEU C 63 -2.52 17.13 -6.43
C LEU C 63 -2.81 15.97 -7.37
N ASN C 64 -2.73 14.73 -6.86
CA ASN C 64 -3.02 13.57 -7.68
C ASN C 64 -4.50 13.45 -8.03
N ASN C 65 -5.37 14.02 -7.20
CA ASN C 65 -6.81 14.05 -7.47
C ASN C 65 -7.22 15.26 -8.28
N ASN C 66 -6.27 16.04 -8.78
CA ASN C 66 -6.53 17.21 -9.63
C ASN C 66 -7.40 18.24 -8.90
N GLN C 67 -7.01 18.55 -7.67
CA GLN C 67 -7.66 19.59 -6.87
C GLN C 67 -6.62 20.68 -6.59
N GLY C 68 -6.23 21.42 -7.64
CA GLY C 68 -5.13 22.36 -7.52
C GLY C 68 -5.46 23.57 -6.65
N GLU C 69 -6.71 24.04 -6.70
CA GLU C 69 -7.08 25.19 -5.89
C GLU C 69 -7.07 24.84 -4.41
N ARG C 70 -7.51 23.63 -4.07
CA ARG C 70 -7.43 23.18 -2.68
C ARG C 70 -5.99 22.87 -2.30
N ALA C 71 -5.21 22.31 -3.22
CA ALA C 71 -3.81 22.02 -2.95
C ALA C 71 -3.01 23.30 -2.74
N GLU C 72 -3.35 24.38 -3.44
CA GLU C 72 -2.64 25.64 -3.23
C GLU C 72 -2.85 26.15 -1.82
N LYS C 73 -4.11 26.15 -1.35
CA LYS C 73 -4.38 26.62 0.01
C LYS C 73 -3.67 25.78 1.05
N GLU C 74 -3.58 24.46 0.82
CA GLU C 74 -2.88 23.60 1.77
C GLU C 74 -1.39 23.87 1.76
N ALA C 75 -0.81 24.14 0.57
CA ALA C 75 0.59 24.51 0.50
C ALA C 75 0.85 25.82 1.24
N GLN C 76 -0.05 26.80 1.07
CA GLN C 76 0.11 28.06 1.79
C GLN C 76 -0.02 27.86 3.30
N TRP C 77 -0.85 26.91 3.73
CA TRP C 77 -0.93 26.56 5.14
C TRP C 77 0.42 26.06 5.66
N LEU C 78 1.01 25.08 4.97
CA LEU C 78 2.27 24.52 5.42
C LEU C 78 3.40 25.55 5.37
N ILE C 79 3.40 26.42 4.36
CA ILE C 79 4.43 27.45 4.26
C ILE C 79 4.39 28.37 5.46
N SER C 80 3.17 28.76 5.88
CA SER C 80 3.05 29.62 7.05
C SER C 80 3.46 28.92 8.33
N HIS C 81 3.52 27.58 8.32
CA HIS C 81 4.02 26.84 9.48
C HIS C 81 5.53 26.70 9.49
N ASP C 82 6.14 26.56 8.31
CA ASP C 82 7.60 26.49 8.19
C ASP C 82 8.00 26.99 6.81
N PRO C 83 8.26 28.29 6.67
CA PRO C 83 8.54 28.85 5.33
C PRO C 83 9.88 28.43 4.76
N LEU C 84 10.76 27.84 5.56
CA LEU C 84 12.06 27.40 5.09
C LEU C 84 12.06 25.96 4.58
N GLN C 85 10.97 25.22 4.77
CA GLN C 85 10.88 23.84 4.33
C GLN C 85 10.68 23.82 2.81
N ALA C 86 11.67 23.29 2.09
CA ALA C 86 11.66 23.40 0.63
C ALA C 86 10.47 22.68 0.00
N GLY C 87 10.09 21.54 0.58
CA GLY C 87 9.04 20.74 -0.02
C GLY C 87 7.71 21.44 -0.14
N ASN C 88 7.40 22.35 0.82
CA ASN C 88 6.14 23.08 0.75
C ASN C 88 6.08 23.95 -0.49
N TRP C 89 7.21 24.51 -0.92
CA TRP C 89 7.21 25.38 -2.09
C TRP C 89 7.07 24.58 -3.38
N LEU C 90 7.63 23.36 -3.42
CA LEU C 90 7.42 22.50 -4.57
C LEU C 90 5.94 22.18 -4.73
N CYS C 91 5.27 21.81 -3.63
CA CYS C 91 3.84 21.55 -3.68
C CYS C 91 3.07 22.78 -4.14
N LEU C 92 3.48 23.97 -3.70
CA LEU C 92 2.83 25.20 -4.14
C LEU C 92 3.00 25.41 -5.64
N SER C 93 4.21 25.16 -6.15
CA SER C 93 4.44 25.30 -7.58
C SER C 93 3.58 24.32 -8.37
N ARG C 94 3.49 23.06 -7.92
CA ARG C 94 2.67 22.08 -8.61
C ARG C 94 1.20 22.45 -8.59
N ALA C 95 0.72 22.96 -7.44
CA ALA C 95 -0.67 23.37 -7.35
C ALA C 95 -0.96 24.54 -8.27
N GLN C 96 -0.06 25.53 -8.31
CA GLN C 96 -0.27 26.68 -9.17
C GLN C 96 -0.13 26.34 -10.64
N GLN C 97 0.62 25.28 -10.95
CA GLN C 97 0.70 24.81 -12.34
C GLN C 97 -0.61 24.15 -12.76
N LEU C 98 -1.24 23.39 -11.84
CA LEU C 98 -2.55 22.81 -12.13
C LEU C 98 -3.61 23.88 -12.33
N ASN C 99 -3.51 24.99 -11.60
CA ASN C 99 -4.45 26.09 -11.72
C ASN C 99 -4.22 26.95 -12.96
N GLY C 100 -3.19 26.66 -13.74
CA GLY C 100 -2.88 27.46 -14.92
C GLY C 100 -2.12 28.72 -14.65
N ASP C 101 -1.67 28.96 -13.42
CA ASP C 101 -0.91 30.15 -13.07
C ASP C 101 0.57 29.82 -13.16
N LEU C 102 1.06 29.73 -14.40
CA LEU C 102 2.45 29.32 -14.62
C LEU C 102 3.43 30.33 -14.07
N ASP C 103 3.14 31.63 -14.23
CA ASP C 103 4.07 32.66 -13.78
C ASP C 103 4.28 32.58 -12.27
N LYS C 104 3.21 32.35 -11.51
CA LYS C 104 3.35 32.18 -10.07
C LYS C 104 4.01 30.84 -9.74
N ALA C 105 3.75 29.80 -10.54
CA ALA C 105 4.37 28.51 -10.31
C ALA C 105 5.89 28.59 -10.49
N ARG C 106 6.35 29.40 -11.44
CA ARG C 106 7.78 29.59 -11.64
C ARG C 106 8.43 30.18 -10.39
N HIS C 107 7.84 31.25 -9.85
CA HIS C 107 8.39 31.88 -8.66
C HIS C 107 8.42 30.92 -7.48
N ALA C 108 7.35 30.15 -7.29
CA ALA C 108 7.33 29.17 -6.21
C ALA C 108 8.39 28.08 -6.44
N TYR C 109 8.59 27.68 -7.70
CA TYR C 109 9.58 26.67 -8.00
C TYR C 109 11.00 27.20 -7.75
N GLN C 110 11.24 28.47 -8.07
CA GLN C 110 12.56 29.05 -7.80
C GLN C 110 12.83 29.17 -6.32
N HIS C 111 11.78 29.40 -5.51
CA HIS C 111 11.94 29.35 -4.06
C HIS C 111 12.33 27.96 -3.61
N TYR C 112 11.72 26.94 -4.20
CA TYR C 112 12.06 25.56 -3.88
C TYR C 112 13.52 25.26 -4.22
N LEU C 113 14.02 25.82 -5.32
CA LEU C 113 15.41 25.58 -5.71
C LEU C 113 16.37 26.31 -4.78
N GLU C 114 15.99 27.51 -4.32
CA GLU C 114 16.86 28.25 -3.41
C GLU C 114 16.93 27.59 -2.03
N LEU C 115 15.89 26.87 -1.63
CA LEU C 115 15.85 26.25 -0.31
C LEU C 115 16.33 24.81 -0.30
N LYS C 116 16.24 24.10 -1.43
CA LYS C 116 16.58 22.69 -1.46
C LYS C 116 18.08 22.49 -1.31
N ASP C 117 18.45 21.35 -0.73
CA ASP C 117 19.86 20.95 -0.65
C ASP C 117 20.32 20.48 -2.02
N HIS C 118 21.31 21.16 -2.58
CA HIS C 118 21.82 20.82 -3.91
C HIS C 118 22.69 19.57 -3.92
N ASN C 119 23.12 19.08 -2.76
CA ASN C 119 23.95 17.88 -2.71
C ASN C 119 23.11 16.66 -2.34
N THR D 5 9.92 18.05 -14.07
CA THR D 5 11.25 17.47 -13.89
C THR D 5 11.14 16.09 -13.25
N ALA D 6 11.92 15.14 -13.77
CA ALA D 6 11.92 13.79 -13.22
C ALA D 6 12.23 13.79 -11.73
N GLN D 7 13.22 14.58 -11.31
CA GLN D 7 13.59 14.63 -9.90
C GLN D 7 12.51 15.29 -9.06
N SER D 8 11.79 16.26 -9.63
CA SER D 8 10.74 16.94 -8.87
C SER D 8 9.56 16.01 -8.59
N LYS D 9 9.25 15.12 -9.55
CA LYS D 9 8.12 14.22 -9.37
C LYS D 9 8.36 13.24 -8.24
N ARG D 10 9.53 12.60 -8.21
CA ARG D 10 9.87 11.73 -7.10
C ARG D 10 10.03 12.52 -5.80
N SER D 11 10.37 13.81 -5.90
CA SER D 11 10.42 14.64 -4.70
C SER D 11 9.04 14.84 -4.10
N LEU D 12 7.99 14.85 -4.95
CA LEU D 12 6.63 14.95 -4.45
C LEU D 12 6.25 13.72 -3.65
N TRP D 13 6.69 12.53 -4.11
CA TRP D 13 6.38 11.30 -3.39
C TRP D 13 7.18 11.20 -2.09
N ASP D 14 8.45 11.61 -2.12
CA ASP D 14 9.24 11.64 -0.90
C ASP D 14 8.67 12.64 0.11
N PHE D 15 8.12 13.75 -0.39
CA PHE D 15 7.50 14.74 0.50
C PHE D 15 6.24 14.17 1.15
N ALA D 16 5.43 13.44 0.38
CA ALA D 16 4.21 12.87 0.93
C ALA D 16 4.49 11.75 1.91
N SER D 17 5.62 11.08 1.75
CA SER D 17 5.92 9.91 2.56
C SER D 17 6.08 10.30 4.03
N PRO D 18 5.46 9.55 4.97
CA PRO D 18 5.70 9.85 6.39
C PRO D 18 7.09 9.50 6.87
N GLY D 19 7.91 8.84 6.05
CA GLY D 19 9.25 8.48 6.45
C GLY D 19 9.36 7.20 7.25
N TYR D 20 8.26 6.47 7.41
CA TYR D 20 8.26 5.22 8.17
C TYR D 20 6.98 4.46 7.82
N THR D 21 6.89 3.23 8.32
CA THR D 21 5.73 2.39 8.08
C THR D 21 5.47 1.56 9.34
N PHE D 22 4.45 0.70 9.26
CA PHE D 22 4.04 -0.14 10.39
C PHE D 22 5.20 -1.00 10.91
N GLN D 29 -3.90 -9.52 14.08
CA GLN D 29 -5.02 -8.88 13.41
C GLN D 29 -5.25 -7.47 13.93
N ASP D 30 -4.18 -6.70 14.08
CA ASP D 30 -4.30 -5.33 14.55
C ASP D 30 -5.01 -4.44 13.54
N TYR D 31 -5.12 -4.86 12.28
CA TYR D 31 -5.93 -4.14 11.31
C TYR D 31 -7.40 -4.55 11.37
N ARG D 32 -7.70 -5.72 11.92
CA ARG D 32 -9.07 -6.22 11.91
C ARG D 32 -9.89 -5.64 13.05
N ARG D 33 -9.50 -5.93 14.29
CA ARG D 33 -10.29 -5.52 15.45
C ARG D 33 -10.04 -4.08 15.89
N GLU D 34 -9.13 -3.37 15.24
CA GLU D 34 -8.94 -1.96 15.52
C GLU D 34 -9.60 -1.05 14.48
N LEU D 35 -9.68 -1.50 13.23
CA LEU D 35 -10.51 -0.79 12.25
C LEU D 35 -11.97 -0.81 12.67
N ASP D 36 -12.41 -1.89 13.30
CA ASP D 36 -13.79 -1.98 13.77
C ASP D 36 -14.05 -1.00 14.90
N THR D 37 -13.05 -0.81 15.77
CA THR D 37 -13.19 0.18 16.84
C THR D 37 -13.16 1.60 16.29
N LEU D 38 -12.27 1.87 15.33
CA LEU D 38 -12.16 3.21 14.77
C LEU D 38 -13.41 3.62 14.00
N GLN D 39 -13.96 2.69 13.20
CA GLN D 39 -15.13 3.04 12.40
C GLN D 39 -16.34 3.32 13.28
N SER D 40 -16.47 2.62 14.42
CA SER D 40 -17.55 2.92 15.35
C SER D 40 -17.34 4.28 16.02
N LEU D 41 -16.09 4.68 16.23
CA LEU D 41 -15.81 5.98 16.83
C LEU D 41 -16.15 7.11 15.88
N LEU D 42 -15.81 6.96 14.60
CA LEU D 42 -16.12 7.99 13.61
C LEU D 42 -17.60 8.06 13.29
N THR D 43 -18.34 6.96 13.49
CA THR D 43 -19.77 6.96 13.21
C THR D 43 -20.52 7.92 14.13
N THR D 44 -20.05 8.09 15.37
CA THR D 44 -20.71 8.97 16.33
C THR D 44 -20.54 10.45 16.01
N SER D 45 -19.90 10.79 14.89
CA SER D 45 -19.67 12.18 14.53
C SER D 45 -20.80 12.73 13.67
N GLN D 46 -20.93 14.06 13.70
CA GLN D 46 -21.87 14.75 12.84
C GLN D 46 -21.25 15.18 11.52
N SER D 47 -19.92 15.18 11.42
CA SER D 47 -19.24 15.54 10.18
C SER D 47 -19.54 14.51 9.10
N SER D 48 -20.07 14.99 7.97
CA SER D 48 -20.29 14.09 6.84
C SER D 48 -18.98 13.50 6.32
N GLU D 49 -17.87 14.21 6.50
CA GLU D 49 -16.57 13.69 6.12
C GLU D 49 -16.16 12.51 7.01
N LEU D 50 -16.40 12.63 8.32
CA LEU D 50 -16.06 11.54 9.22
C LEU D 50 -17.00 10.36 9.06
N GLN D 51 -18.27 10.61 8.75
CA GLN D 51 -19.19 9.52 8.47
C GLN D 51 -18.84 8.82 7.18
N ALA D 52 -18.37 9.57 6.17
CA ALA D 52 -17.94 8.96 4.92
C ALA D 52 -16.74 8.06 5.13
N ALA D 53 -15.80 8.49 5.98
CA ALA D 53 -14.63 7.67 6.27
C ALA D 53 -15.02 6.39 6.99
N ALA D 54 -15.88 6.50 8.00
CA ALA D 54 -16.34 5.32 8.72
C ALA D 54 -17.07 4.35 7.80
N ALA D 55 -17.92 4.88 6.92
CA ALA D 55 -18.61 4.03 5.95
C ALA D 55 -17.62 3.41 4.97
N LEU D 56 -16.57 4.13 4.60
CA LEU D 56 -15.54 3.58 3.72
C LEU D 56 -14.83 2.41 4.38
N LEU D 57 -14.43 2.59 5.65
CA LEU D 57 -13.70 1.53 6.34
C LEU D 57 -14.56 0.28 6.52
N LYS D 58 -15.83 0.45 6.89
CA LYS D 58 -16.67 -0.71 7.14
C LYS D 58 -17.03 -1.42 5.83
N CYS D 59 -17.21 -0.68 4.75
CA CYS D 59 -17.42 -1.30 3.45
C CYS D 59 -16.19 -2.08 3.00
N GLN D 60 -14.99 -1.63 3.39
CA GLN D 60 -13.77 -2.32 3.00
C GLN D 60 -13.65 -3.66 3.72
N GLN D 61 -13.98 -3.71 5.01
CA GLN D 61 -13.88 -4.97 5.74
C GLN D 61 -14.97 -5.94 5.30
N ASP D 62 -16.11 -5.43 4.83
CA ASP D 62 -17.13 -6.30 4.26
C ASP D 62 -16.63 -6.96 2.99
N ASP D 63 -15.94 -6.20 2.14
CA ASP D 63 -15.38 -6.78 0.92
C ASP D 63 -14.30 -7.80 1.24
N ASP D 64 -13.44 -7.50 2.23
CA ASP D 64 -12.43 -8.46 2.66
C ASP D 64 -13.07 -9.75 3.13
N ARG D 65 -14.28 -9.67 3.71
CA ARG D 65 -14.95 -10.88 4.17
C ARG D 65 -15.36 -11.77 3.01
N LEU D 66 -15.90 -11.19 1.94
CA LEU D 66 -16.19 -11.96 0.74
C LEU D 66 -14.92 -12.57 0.15
N LEU D 67 -13.83 -11.80 0.15
CA LEU D 67 -12.57 -12.32 -0.40
C LEU D 67 -12.04 -13.47 0.44
N GLN D 68 -12.20 -13.39 1.76
CA GLN D 68 -11.75 -14.49 2.62
C GLN D 68 -12.53 -15.77 2.31
N ILE D 69 -13.82 -15.64 2.01
CA ILE D 69 -14.62 -16.81 1.66
C ILE D 69 -14.13 -17.43 0.36
N ILE D 70 -13.83 -16.59 -0.64
CA ILE D 70 -13.31 -17.08 -1.90
C ILE D 70 -11.97 -17.78 -1.70
N LEU D 71 -11.11 -17.22 -0.84
CA LEU D 71 -9.82 -17.84 -0.58
C LEU D 71 -9.98 -19.21 0.07
N ASN D 72 -10.92 -19.33 1.01
CA ASN D 72 -11.17 -20.62 1.63
C ASN D 72 -11.65 -21.64 0.62
N LEU D 73 -12.54 -21.22 -0.29
CA LEU D 73 -13.07 -22.15 -1.29
C LEU D 73 -12.00 -22.52 -2.31
N LEU D 74 -11.14 -21.57 -2.68
CA LEU D 74 -10.03 -21.88 -3.58
C LEU D 74 -8.95 -22.71 -2.91
N HIS D 75 -8.98 -22.85 -1.60
CA HIS D 75 -7.99 -23.64 -0.88
C HIS D 75 -8.66 -24.66 0.04
#